data_4OAK
#
_entry.id   4OAK
#
_cell.length_a   41.939
_cell.length_b   43.083
_cell.length_c   66.316
_cell.angle_alpha   80.53
_cell.angle_beta   74.52
_cell.angle_gamma   64.01
#
_symmetry.space_group_name_H-M   'P 1'
#
loop_
_entity.id
_entity.type
_entity.pdbx_description
1 polymer D,D-dipeptidase/D,D-carboxypeptidase
2 non-polymer 'COPPER (II) ION'
3 non-polymer D-ALANINE
4 non-polymer 'SULFATE ION'
5 non-polymer 'MAGNESIUM ION'
6 non-polymer 'CHLORIDE ION'
7 non-polymer 3,6,9,12,15,18,21,24,27,30,33,36,39-TRIDECAOXAHENTETRACONTANE-1,41-DIOL
8 water water
#
_entity_poly.entity_id   1
_entity_poly.type   'polypeptide(L)'
_entity_poly.pdbx_seq_one_letter_code
;MGSSHHHHHHSSGRENLYFQGMNTLQLINKNHPLKKNQEPPHLVLAPFSDHDVYLQPEVAKQWERLVRATGLEKDIRLVS
GYRTEKEQRRLWEYSLKENGLAYTKQFVALPGCSEHQIGLAIDVGLKKQEDDDLICPHFRDSAAADLFMQQMMNYGFILR
YPEDKQEITGISYEPWHFRYVGLPHSQVITAQKWTLEEYHDYLAQTVRQFA
;
_entity_poly.pdbx_strand_id   A,B
#
# COMPACT_ATOMS: atom_id res chain seq x y z
N MET A 22 3.25 18.05 -14.00
CA MET A 22 4.09 17.36 -14.99
C MET A 22 5.56 17.69 -14.74
N ASN A 23 5.81 18.77 -14.01
CA ASN A 23 7.17 19.16 -13.65
C ASN A 23 7.79 18.18 -12.66
N THR A 24 8.72 17.36 -13.16
CA THR A 24 9.34 16.33 -12.33
C THR A 24 10.33 16.91 -11.32
N LEU A 25 10.58 18.19 -11.41
CA LEU A 25 11.48 18.84 -10.50
C LEU A 25 10.80 19.57 -9.42
N GLN A 26 9.49 19.52 -9.38
CA GLN A 26 8.67 20.28 -8.43
C GLN A 26 9.16 20.13 -6.99
N LEU A 27 9.38 21.26 -6.33
CA LEU A 27 9.84 21.25 -4.95
C LEU A 27 8.69 21.30 -3.96
N ILE A 28 8.58 20.25 -3.15
CA ILE A 28 7.52 20.17 -2.15
C ILE A 28 8.09 19.93 -0.76
N ASN A 29 7.91 20.90 0.13
CA ASN A 29 8.29 20.76 1.52
C ASN A 29 7.40 21.60 2.43
N LYS A 30 7.85 21.85 3.66
CA LYS A 30 7.06 22.62 4.60
C LYS A 30 6.85 24.05 4.14
N ASN A 31 7.87 24.63 3.51
CA ASN A 31 7.78 26.01 3.02
C ASN A 31 7.16 26.09 1.63
N HIS A 32 7.12 24.96 0.93
CA HIS A 32 6.52 24.90 -0.40
C HIS A 32 5.50 23.77 -0.48
N PRO A 33 4.30 23.99 0.09
CA PRO A 33 3.26 22.95 0.13
C PRO A 33 2.72 22.61 -1.25
N LEU A 34 2.08 21.45 -1.37
CA LEU A 34 1.48 21.02 -2.63
C LEU A 34 0.39 22.00 -3.06
N LYS A 35 0.41 22.34 -4.34
CA LYS A 35 -0.58 23.27 -4.90
C LYS A 35 -1.97 22.64 -4.90
N LYS A 36 -2.93 23.34 -4.31
CA LYS A 36 -4.30 22.85 -4.27
C LYS A 36 -4.96 22.91 -5.64
N ASN A 37 -4.45 23.81 -6.48
CA ASN A 37 -4.97 23.92 -7.84
C ASN A 37 -4.26 22.94 -8.78
N GLN A 38 -3.24 22.28 -8.26
CA GLN A 38 -2.47 21.33 -9.06
C GLN A 38 -3.28 20.07 -9.36
N GLU A 39 -3.22 19.66 -10.62
CA GLU A 39 -3.96 18.50 -11.11
C GLU A 39 -3.32 17.19 -10.64
N PRO A 40 -4.15 16.24 -10.20
CA PRO A 40 -3.65 14.93 -9.74
C PRO A 40 -2.99 14.14 -10.88
N PRO A 41 -1.78 13.61 -10.61
CA PRO A 41 -1.03 12.88 -11.63
C PRO A 41 -1.66 11.52 -11.96
N HIS A 42 -1.46 11.05 -13.20
CA HIS A 42 -1.90 9.72 -13.57
C HIS A 42 -1.02 8.68 -12.88
N LEU A 43 -1.63 7.57 -12.46
CA LEU A 43 -0.93 6.57 -11.69
C LEU A 43 -1.11 5.17 -12.25
N VAL A 44 -0.08 4.34 -12.08
CA VAL A 44 -0.15 2.93 -12.46
C VAL A 44 0.36 2.07 -11.31
N LEU A 45 -0.01 0.79 -11.31
CA LEU A 45 0.47 -0.13 -10.29
C LEU A 45 1.94 -0.44 -10.52
N ALA A 46 2.76 -0.26 -9.48
CA ALA A 46 4.19 -0.46 -9.60
C ALA A 46 4.58 -1.90 -9.31
N PRO A 47 5.53 -2.44 -10.08
CA PRO A 47 6.04 -3.80 -9.87
C PRO A 47 7.01 -3.87 -8.70
N PHE A 48 7.42 -5.07 -8.33
CA PHE A 48 8.38 -5.30 -7.24
C PHE A 48 7.91 -4.68 -5.92
N SER A 49 6.77 -5.13 -5.43
CA SER A 49 6.21 -4.64 -4.18
C SER A 49 5.30 -5.67 -3.52
N ASP A 50 5.45 -5.83 -2.21
CA ASP A 50 4.61 -6.74 -1.46
C ASP A 50 3.19 -6.20 -1.35
N HIS A 51 3.08 -4.87 -1.28
CA HIS A 51 1.79 -4.21 -1.24
C HIS A 51 1.45 -3.62 -2.61
N ASP A 52 0.22 -3.13 -2.76
CA ASP A 52 -0.17 -2.45 -3.98
C ASP A 52 0.26 -0.99 -3.95
N VAL A 53 1.36 -0.71 -4.64
CA VAL A 53 1.93 0.64 -4.67
C VAL A 53 1.68 1.31 -6.01
N TYR A 54 1.27 2.57 -5.97
CA TYR A 54 0.96 3.31 -7.19
C TYR A 54 1.94 4.47 -7.41
N LEU A 55 2.35 4.64 -8.66
CA LEU A 55 3.29 5.69 -9.04
C LEU A 55 2.95 6.24 -10.42
N GLN A 56 3.55 7.37 -10.75
CA GLN A 56 3.44 7.89 -12.12
C GLN A 56 4.10 6.89 -13.07
N PRO A 57 3.55 6.75 -14.28
CA PRO A 57 4.01 5.77 -15.28
C PRO A 57 5.52 5.79 -15.50
N GLU A 58 6.08 6.98 -15.71
CA GLU A 58 7.52 7.12 -15.97
C GLU A 58 8.34 6.66 -14.77
N VAL A 59 7.88 6.98 -13.57
CA VAL A 59 8.58 6.60 -12.35
C VAL A 59 8.54 5.09 -12.15
N ALA A 60 7.37 4.50 -12.37
CA ALA A 60 7.19 3.06 -12.21
C ALA A 60 8.07 2.29 -13.19
N LYS A 61 8.21 2.83 -14.40
CA LYS A 61 9.01 2.18 -15.43
C LYS A 61 10.50 2.27 -15.13
N GLN A 62 10.93 3.44 -14.65
CA GLN A 62 12.34 3.65 -14.31
C GLN A 62 12.71 2.86 -13.05
N TRP A 63 11.76 2.71 -12.14
CA TRP A 63 11.96 1.91 -10.94
C TRP A 63 12.21 0.46 -11.31
N GLU A 64 11.40 -0.06 -12.24
CA GLU A 64 11.53 -1.44 -12.69
C GLU A 64 12.86 -1.66 -13.40
N ARG A 65 13.24 -0.72 -14.25
CA ARG A 65 14.51 -0.80 -14.96
C ARG A 65 15.70 -0.81 -13.99
N LEU A 66 15.58 0.01 -12.94
CA LEU A 66 16.65 0.13 -11.95
C LEU A 66 16.85 -1.17 -11.17
N VAL A 67 15.74 -1.80 -10.76
CA VAL A 67 15.80 -3.04 -10.01
C VAL A 67 16.40 -4.17 -10.84
N ARG A 68 15.96 -4.28 -12.09
CA ARG A 68 16.44 -5.34 -12.97
C ARG A 68 17.90 -5.16 -13.35
N ALA A 69 18.32 -3.90 -13.48
CA ALA A 69 19.70 -3.60 -13.85
C ALA A 69 20.67 -3.88 -12.71
N THR A 70 20.19 -3.71 -11.48
CA THR A 70 21.01 -3.96 -10.30
C THR A 70 20.88 -5.41 -9.84
N GLY A 71 19.91 -6.13 -10.41
CA GLY A 71 19.67 -7.51 -10.05
C GLY A 71 19.18 -7.66 -8.62
N LEU A 72 18.38 -6.70 -8.18
CA LEU A 72 17.87 -6.70 -6.81
C LEU A 72 16.40 -7.09 -6.73
N GLU A 73 15.95 -7.94 -7.65
CA GLU A 73 14.56 -8.38 -7.66
C GLU A 73 14.22 -9.21 -6.42
N LYS A 74 15.25 -9.80 -5.81
CA LYS A 74 15.05 -10.69 -4.67
C LYS A 74 15.48 -10.06 -3.35
N ASP A 75 15.85 -8.79 -3.38
CA ASP A 75 16.47 -8.17 -2.20
C ASP A 75 15.77 -6.89 -1.76
N ILE A 76 15.27 -6.11 -2.70
CA ILE A 76 14.59 -4.86 -2.37
C ILE A 76 13.12 -4.91 -2.77
N ARG A 77 12.33 -4.07 -2.11
CA ARG A 77 10.90 -4.00 -2.40
C ARG A 77 10.39 -2.58 -2.26
N LEU A 78 9.29 -2.28 -2.95
CA LEU A 78 8.67 -0.97 -2.87
C LEU A 78 7.69 -0.95 -1.70
N VAL A 79 8.03 -0.19 -0.67
CA VAL A 79 7.21 -0.15 0.55
C VAL A 79 6.07 0.84 0.42
N SER A 80 6.36 2.03 -0.08
CA SER A 80 5.34 3.06 -0.24
C SER A 80 5.56 3.89 -1.51
N GLY A 81 4.47 4.44 -2.04
CA GLY A 81 4.54 5.27 -3.23
C GLY A 81 3.63 6.48 -3.12
N TYR A 82 2.59 6.52 -3.95
CA TYR A 82 1.65 7.62 -3.94
C TYR A 82 0.76 7.59 -2.70
N ARG A 83 0.62 8.74 -2.08
CA ARG A 83 -0.26 8.88 -0.97
CA ARG A 83 -0.23 8.89 -0.89
C ARG A 83 -1.10 10.15 -1.10
N THR A 84 -2.40 10.01 -0.88
CA THR A 84 -3.27 11.18 -0.95
C THR A 84 -3.05 12.05 0.28
N GLU A 85 -3.66 13.23 0.29
CA GLU A 85 -3.52 14.13 1.43
C GLU A 85 -4.15 13.51 2.67
N LYS A 86 -5.24 12.77 2.47
CA LYS A 86 -5.93 12.11 3.57
C LYS A 86 -5.10 10.94 4.09
N GLU A 87 -4.44 10.24 3.19
CA GLU A 87 -3.59 9.11 3.57
C GLU A 87 -2.33 9.59 4.30
N GLN A 88 -1.78 10.71 3.84
CA GLN A 88 -0.63 11.31 4.49
C GLN A 88 -1.02 11.78 5.89
N ARG A 89 -2.25 12.25 6.03
CA ARG A 89 -2.78 12.70 7.32
C ARG A 89 -2.93 11.53 8.28
N ARG A 90 -3.49 10.43 7.79
CA ARG A 90 -3.68 9.24 8.60
C ARG A 90 -2.34 8.61 8.98
N LEU A 91 -1.36 8.73 8.10
CA LEU A 91 -0.01 8.27 8.39
C LEU A 91 0.61 9.10 9.51
N TRP A 92 0.43 10.42 9.41
CA TRP A 92 0.96 11.35 10.41
C TRP A 92 0.34 11.09 11.78
N GLU A 93 -0.97 10.88 11.80
CA GLU A 93 -1.69 10.62 13.04
C GLU A 93 -1.27 9.29 13.66
N TYR A 94 -1.03 8.29 12.82
CA TYR A 94 -0.59 6.98 13.29
C TYR A 94 0.77 7.08 13.95
N SER A 95 1.68 7.81 13.31
CA SER A 95 3.04 8.00 13.81
C SER A 95 3.04 8.77 15.12
N LEU A 96 2.09 9.69 15.26
CA LEU A 96 1.97 10.50 16.47
C LEU A 96 1.71 9.65 17.70
N LYS A 97 0.75 8.74 17.59
CA LYS A 97 0.40 7.86 18.71
C LYS A 97 1.47 6.78 18.91
N GLU A 98 2.16 6.43 17.81
CA GLU A 98 3.13 5.35 17.84
C GLU A 98 4.50 5.80 18.37
N ASN A 99 4.97 6.95 17.90
CA ASN A 99 6.33 7.39 18.20
C ASN A 99 6.43 8.77 18.86
N GLY A 100 5.32 9.49 18.92
CA GLY A 100 5.32 10.80 19.55
C GLY A 100 5.43 11.94 18.55
N LEU A 101 5.24 13.17 19.02
CA LEU A 101 5.25 14.33 18.16
C LEU A 101 6.65 14.64 17.62
N ALA A 102 7.64 14.56 18.49
CA ALA A 102 9.02 14.88 18.14
C ALA A 102 9.53 14.02 16.98
N TYR A 103 9.37 12.71 17.10
CA TYR A 103 9.86 11.78 16.09
C TYR A 103 9.09 11.90 14.78
N THR A 104 7.78 12.15 14.88
CA THR A 104 6.93 12.25 13.70
C THR A 104 7.33 13.45 12.83
N LYS A 105 7.57 14.58 13.46
CA LYS A 105 7.94 15.80 12.74
C LYS A 105 9.30 15.67 12.06
N GLN A 106 10.13 14.77 12.56
CA GLN A 106 11.47 14.58 12.01
C GLN A 106 11.47 13.72 10.75
N PHE A 107 10.53 12.78 10.67
CA PHE A 107 10.54 11.80 9.59
C PHE A 107 9.27 11.79 8.74
N VAL A 108 8.20 12.38 9.24
CA VAL A 108 6.94 12.40 8.50
C VAL A 108 6.51 13.82 8.17
N ALA A 109 6.28 14.07 6.87
CA ALA A 109 5.88 15.40 6.42
C ALA A 109 4.41 15.67 6.70
N LEU A 110 4.07 16.93 6.96
CA LEU A 110 2.70 17.34 7.17
C LEU A 110 1.88 17.14 5.90
N PRO A 111 0.58 16.85 6.05
CA PRO A 111 -0.33 16.69 4.91
C PRO A 111 -0.31 17.91 4.00
N GLY A 112 -0.05 17.68 2.70
CA GLY A 112 0.04 18.76 1.74
C GLY A 112 1.48 19.21 1.52
N CYS A 113 2.40 18.67 2.31
CA CYS A 113 3.80 19.02 2.20
C CYS A 113 4.66 17.80 1.92
N SER A 114 4.02 16.73 1.46
CA SER A 114 4.71 15.48 1.16
C SER A 114 4.81 15.27 -0.35
N GLU A 115 6.02 14.93 -0.81
CA GLU A 115 6.22 14.69 -2.24
C GLU A 115 5.67 13.32 -2.66
N HIS A 116 5.21 12.55 -1.68
CA HIS A 116 4.52 11.30 -1.97
C HIS A 116 3.17 11.58 -2.63
N GLN A 117 2.69 12.82 -2.49
CA GLN A 117 1.38 13.20 -2.99
C GLN A 117 1.36 13.53 -4.49
N ILE A 118 2.53 13.49 -5.13
CA ILE A 118 2.59 13.71 -6.56
C ILE A 118 3.10 12.47 -7.29
N GLY A 119 3.23 11.37 -6.55
CA GLY A 119 3.61 10.09 -7.12
C GLY A 119 5.01 10.06 -7.69
N LEU A 120 5.89 10.90 -7.15
CA LEU A 120 7.28 10.94 -7.60
C LEU A 120 8.23 10.41 -6.53
N ALA A 121 7.69 10.04 -5.38
CA ALA A 121 8.51 9.57 -4.27
C ALA A 121 8.28 8.09 -3.98
N ILE A 122 9.36 7.39 -3.68
CA ILE A 122 9.27 5.98 -3.31
C ILE A 122 9.96 5.71 -1.99
N ASP A 123 9.42 4.74 -1.26
CA ASP A 123 10.01 4.29 -0.01
C ASP A 123 10.45 2.86 -0.30
N VAL A 124 11.73 2.59 -0.10
CA VAL A 124 12.29 1.27 -0.37
C VAL A 124 12.68 0.57 0.93
N GLY A 125 12.38 -0.72 1.02
CA GLY A 125 12.76 -1.52 2.17
C GLY A 125 13.40 -2.82 1.74
N LEU A 126 14.11 -3.47 2.67
CA LEU A 126 14.68 -4.77 2.40
C LEU A 126 13.58 -5.79 2.22
N LYS A 127 13.81 -6.78 1.37
CA LYS A 127 12.81 -7.78 1.05
C LYS A 127 12.40 -8.58 2.29
N LYS A 128 13.38 -8.92 3.13
CA LYS A 128 13.08 -9.61 4.39
C LYS A 128 13.19 -8.66 5.57
N GLN A 129 12.09 -8.55 6.31
CA GLN A 129 11.92 -7.51 7.31
C GLN A 129 10.54 -7.55 7.95
N GLU A 130 10.46 -7.17 9.22
CA GLU A 130 9.19 -7.10 9.93
C GLU A 130 8.77 -5.65 10.09
N ASP A 131 9.74 -4.83 10.47
CA ASP A 131 9.57 -3.43 10.82
C ASP A 131 9.99 -2.56 9.65
N ASP A 132 9.27 -1.47 9.39
CA ASP A 132 9.79 -0.55 8.40
C ASP A 132 10.74 0.44 9.05
N ASP A 133 11.60 1.04 8.23
CA ASP A 133 12.70 1.88 8.72
C ASP A 133 12.25 3.06 9.57
N LEU A 134 10.94 3.31 9.60
CA LEU A 134 10.38 4.28 10.53
C LEU A 134 10.46 3.73 11.95
N ILE A 135 10.43 2.40 12.08
CA ILE A 135 10.48 1.75 13.37
C ILE A 135 11.91 1.35 13.73
N CYS A 136 12.35 0.25 13.16
CA CYS A 136 13.73 -0.21 13.35
C CYS A 136 14.63 -0.25 12.13
N PRO A 137 15.31 0.88 11.84
CA PRO A 137 16.09 1.12 10.62
C PRO A 137 16.88 -0.11 10.20
N HIS A 138 16.80 -0.44 8.91
CA HIS A 138 17.29 -1.72 8.41
C HIS A 138 18.04 -1.57 7.09
N PHE A 139 17.49 -0.72 6.22
CA PHE A 139 17.99 -0.56 4.86
C PHE A 139 19.42 -0.02 4.81
N ARG A 140 19.73 0.90 5.72
CA ARG A 140 21.02 1.58 5.73
C ARG A 140 22.20 0.61 5.82
N ASP A 141 23.20 0.83 4.97
CA ASP A 141 24.44 0.06 4.95
C ASP A 141 24.24 -1.44 4.71
N SER A 142 23.08 -1.80 4.14
CA SER A 142 22.85 -3.19 3.77
C SER A 142 23.46 -3.45 2.39
N ALA A 143 23.65 -4.72 2.06
CA ALA A 143 24.25 -5.10 0.78
C ALA A 143 23.39 -4.62 -0.39
N ALA A 144 22.08 -4.71 -0.22
CA ALA A 144 21.14 -4.30 -1.26
C ALA A 144 21.15 -2.79 -1.45
N ALA A 145 21.34 -2.05 -0.34
CA ALA A 145 21.36 -0.60 -0.38
C ALA A 145 22.60 -0.07 -1.07
N ASP A 146 23.75 -0.65 -0.76
CA ASP A 146 25.03 -0.23 -1.32
C ASP A 146 25.02 -0.32 -2.85
N LEU A 147 24.47 -1.42 -3.37
CA LEU A 147 24.39 -1.61 -4.81
C LEU A 147 23.32 -0.71 -5.41
N PHE A 148 22.28 -0.43 -4.64
CA PHE A 148 21.19 0.44 -5.09
C PHE A 148 21.68 1.88 -5.21
N MET A 149 22.54 2.29 -4.28
CA MET A 149 23.06 3.65 -4.25
C MET A 149 24.06 3.91 -5.37
N GLN A 150 24.49 2.85 -6.05
CA GLN A 150 25.48 2.98 -7.12
C GLN A 150 24.85 3.28 -8.47
N GLN A 151 23.57 2.95 -8.63
CA GLN A 151 22.92 3.08 -9.93
C GLN A 151 21.64 3.90 -9.87
N MET A 152 21.21 4.28 -8.70
CA MET A 152 19.96 5.00 -8.63
C MET A 152 19.94 6.31 -9.39
N MET A 153 21.03 7.07 -9.42
CA MET A 153 21.05 8.36 -10.09
C MET A 153 21.01 8.21 -11.61
N ASN A 154 21.37 7.02 -12.09
CA ASN A 154 21.40 6.75 -13.52
C ASN A 154 20.02 6.42 -14.08
N TYR A 155 19.01 6.43 -13.21
CA TYR A 155 17.65 6.12 -13.62
C TYR A 155 16.66 7.16 -13.11
N GLY A 156 17.16 8.34 -12.77
CA GLY A 156 16.30 9.47 -12.46
C GLY A 156 15.99 9.67 -10.99
N PHE A 157 16.60 8.87 -10.12
CA PHE A 157 16.31 8.95 -8.69
C PHE A 157 17.42 9.63 -7.88
N ILE A 158 17.03 10.31 -6.82
CA ILE A 158 17.98 10.92 -5.89
C ILE A 158 17.64 10.54 -4.45
N LEU A 159 18.65 10.58 -3.58
CA LEU A 159 18.41 10.43 -2.15
C LEU A 159 17.84 11.75 -1.62
N ARG A 160 16.55 11.77 -1.34
CA ARG A 160 15.85 13.01 -1.05
C ARG A 160 16.30 13.68 0.24
N TYR A 161 16.52 12.90 1.28
CA TYR A 161 16.91 13.45 2.58
C TYR A 161 18.23 12.86 3.07
N PRO A 162 19.35 13.39 2.57
CA PRO A 162 20.69 12.89 2.89
C PRO A 162 21.12 13.22 4.31
N GLU A 163 22.22 12.61 4.74
CA GLU A 163 22.76 12.85 6.08
C GLU A 163 23.35 14.25 6.17
N ASP A 164 23.25 14.85 7.35
CA ASP A 164 23.77 16.20 7.60
C ASP A 164 23.16 17.25 6.67
N LYS A 165 21.89 17.07 6.34
CA LYS A 165 21.20 18.00 5.45
C LYS A 165 19.85 18.41 6.03
N GLN A 166 19.62 18.08 7.30
CA GLN A 166 18.34 18.35 7.95
C GLN A 166 18.05 19.85 8.03
N GLU A 167 19.10 20.65 8.13
CA GLU A 167 18.95 22.11 8.16
C GLU A 167 18.31 22.63 6.88
N ILE A 168 18.60 21.97 5.77
CA ILE A 168 18.14 22.41 4.46
C ILE A 168 16.79 21.80 4.07
N THR A 169 16.63 20.51 4.35
CA THR A 169 15.43 19.79 3.95
C THR A 169 14.32 19.89 4.99
N GLY A 170 14.69 20.03 6.26
CA GLY A 170 13.73 20.05 7.34
C GLY A 170 13.31 18.65 7.74
N ILE A 171 14.00 17.66 7.18
CA ILE A 171 13.71 16.25 7.44
C ILE A 171 14.99 15.51 7.81
N SER A 172 14.90 14.64 8.82
CA SER A 172 16.05 13.86 9.25
C SER A 172 16.53 12.89 8.17
N TYR A 173 17.73 12.36 8.35
CA TYR A 173 18.34 11.42 7.42
C TYR A 173 17.44 10.20 7.17
N GLU A 174 17.08 9.99 5.91
CA GLU A 174 16.26 8.85 5.51
C GLU A 174 16.87 8.14 4.30
N PRO A 175 17.69 7.11 4.56
CA PRO A 175 18.34 6.34 3.50
C PRO A 175 17.40 5.45 2.69
N TRP A 176 16.11 5.47 3.01
CA TRP A 176 15.15 4.60 2.34
C TRP A 176 14.17 5.38 1.45
N HIS A 177 14.23 6.70 1.52
CA HIS A 177 13.34 7.54 0.72
C HIS A 177 14.06 8.09 -0.51
N PHE A 178 13.50 7.85 -1.68
CA PHE A 178 14.08 8.32 -2.93
C PHE A 178 13.07 9.12 -3.74
N ARG A 179 13.55 10.14 -4.46
CA ARG A 179 12.71 11.02 -5.25
C ARG A 179 13.08 10.97 -6.73
N TYR A 180 12.08 10.79 -7.58
CA TYR A 180 12.32 10.80 -9.03
C TYR A 180 12.32 12.22 -9.57
N VAL A 181 13.42 12.60 -10.20
CA VAL A 181 13.55 13.90 -10.84
C VAL A 181 13.87 13.75 -12.32
N GLY A 182 14.30 12.55 -12.70
CA GLY A 182 14.64 12.26 -14.08
C GLY A 182 16.07 12.61 -14.43
N LEU A 183 16.49 12.23 -15.63
CA LEU A 183 17.83 12.53 -16.13
C LEU A 183 17.84 13.85 -16.88
N PRO A 184 18.98 14.57 -16.84
CA PRO A 184 20.20 14.24 -16.09
C PRO A 184 20.22 14.84 -14.69
N HIS A 185 19.07 15.34 -14.25
CA HIS A 185 18.95 16.04 -12.98
C HIS A 185 19.44 15.18 -11.81
N SER A 186 19.09 13.90 -11.82
CA SER A 186 19.47 13.00 -10.74
C SER A 186 20.97 12.81 -10.68
N GLN A 187 21.62 12.78 -11.85
CA GLN A 187 23.06 12.63 -11.92
C GLN A 187 23.77 13.89 -11.42
N VAL A 188 23.26 15.05 -11.81
CA VAL A 188 23.83 16.33 -11.41
C VAL A 188 23.73 16.52 -9.89
N ILE A 189 22.54 16.31 -9.34
CA ILE A 189 22.30 16.48 -7.92
C ILE A 189 23.16 15.55 -7.07
N THR A 190 23.21 14.28 -7.46
CA THR A 190 23.95 13.27 -6.70
C THR A 190 25.46 13.54 -6.74
N ALA A 191 25.97 13.93 -7.89
CA ALA A 191 27.40 14.19 -8.06
C ALA A 191 27.88 15.35 -7.18
N GLN A 192 27.01 16.32 -6.95
CA GLN A 192 27.34 17.47 -6.14
C GLN A 192 26.94 17.26 -4.68
N LYS A 193 26.38 16.08 -4.40
CA LYS A 193 25.84 15.76 -3.08
C LYS A 193 24.84 16.82 -2.63
N TRP A 194 24.00 17.25 -3.55
CA TRP A 194 23.02 18.30 -3.29
C TRP A 194 21.68 17.75 -2.82
N THR A 195 20.85 18.64 -2.29
CA THR A 195 19.45 18.35 -2.03
C THR A 195 18.62 19.01 -3.11
N LEU A 196 17.33 18.68 -3.16
CA LEU A 196 16.45 19.29 -4.15
C LEU A 196 16.30 20.78 -3.88
N GLU A 197 16.37 21.16 -2.61
CA GLU A 197 16.33 22.57 -2.23
C GLU A 197 17.54 23.31 -2.79
N GLU A 198 18.72 22.72 -2.63
CA GLU A 198 19.96 23.32 -3.12
C GLU A 198 19.98 23.39 -4.64
N TYR A 199 19.36 22.40 -5.27
CA TYR A 199 19.29 22.35 -6.74
C TYR A 199 18.45 23.50 -7.27
N HIS A 200 17.34 23.78 -6.59
CA HIS A 200 16.47 24.88 -6.97
C HIS A 200 17.14 26.24 -6.77
N ASP A 201 17.92 26.35 -5.70
CA ASP A 201 18.68 27.58 -5.44
C ASP A 201 19.75 27.77 -6.49
N TYR A 202 20.39 26.67 -6.89
CA TYR A 202 21.40 26.69 -7.93
C TYR A 202 20.79 27.11 -9.27
N LEU A 203 19.62 26.57 -9.58
CA LEU A 203 18.92 26.92 -10.82
C LEU A 203 18.46 28.36 -10.80
N ALA A 204 18.01 28.83 -9.63
CA ALA A 204 17.54 30.20 -9.48
C ALA A 204 18.68 31.19 -9.71
N GLN A 205 19.84 30.90 -9.13
CA GLN A 205 21.02 31.75 -9.28
C GLN A 205 21.52 31.76 -10.71
N THR A 206 21.49 30.60 -11.35
CA THR A 206 21.98 30.45 -12.72
C THR A 206 21.14 31.25 -13.71
N VAL A 207 19.83 31.20 -13.55
CA VAL A 207 18.91 31.94 -14.40
C VAL A 207 19.15 33.44 -14.31
N ARG A 208 19.41 33.92 -13.09
CA ARG A 208 19.62 35.36 -12.86
C ARG A 208 20.93 35.86 -13.47
N GLN A 209 21.80 34.94 -13.87
CA GLN A 209 23.04 35.33 -14.55
C GLN A 209 22.77 35.72 -15.99
N PHE A 210 21.72 35.15 -16.57
CA PHE A 210 21.33 35.45 -17.95
C PHE A 210 20.43 36.68 -18.00
N ALA A 211 20.03 37.17 -16.84
CA ALA A 211 19.16 38.34 -16.76
C ALA A 211 19.98 39.63 -16.85
N MET B 22 -20.64 1.60 7.96
CA MET B 22 -21.17 1.19 9.25
C MET B 22 -21.98 -0.10 9.14
N ASN B 23 -22.32 -0.48 7.91
CA ASN B 23 -22.98 -1.75 7.66
C ASN B 23 -21.95 -2.80 7.27
N THR B 24 -21.48 -3.55 8.27
CA THR B 24 -20.40 -4.51 8.07
C THR B 24 -20.83 -5.74 7.27
N LEU B 25 -22.12 -5.83 6.96
CA LEU B 25 -22.65 -6.96 6.22
C LEU B 25 -22.94 -6.62 4.76
N GLN B 26 -22.57 -5.42 4.34
CA GLN B 26 -22.86 -4.95 2.99
C GLN B 26 -22.29 -5.88 1.93
N LEU B 27 -23.15 -6.35 1.03
CA LEU B 27 -22.76 -7.26 -0.03
C LEU B 27 -22.32 -6.53 -1.28
N ILE B 28 -21.04 -6.64 -1.63
CA ILE B 28 -20.52 -6.01 -2.83
C ILE B 28 -19.95 -7.04 -3.79
N ASN B 29 -20.62 -7.21 -4.93
CA ASN B 29 -20.13 -8.08 -5.99
C ASN B 29 -20.60 -7.58 -7.35
N LYS B 30 -20.57 -8.43 -8.33
CA LYS B 30 -20.98 -8.02 -9.67
C LYS B 30 -22.42 -7.71 -9.73
N ASN B 31 -23.18 -8.50 -9.02
CA ASN B 31 -24.63 -8.33 -9.00
C ASN B 31 -25.04 -7.16 -8.12
N HIS B 32 -24.19 -6.84 -7.14
CA HIS B 32 -24.48 -5.76 -6.21
C HIS B 32 -23.31 -4.79 -6.12
N PRO B 33 -23.20 -3.88 -7.10
CA PRO B 33 -22.10 -2.91 -7.16
C PRO B 33 -22.20 -1.84 -6.08
N LEU B 34 -21.07 -1.21 -5.78
CA LEU B 34 -21.05 -0.12 -4.81
C LEU B 34 -21.69 1.13 -5.40
N LYS B 35 -22.68 1.67 -4.69
CA LYS B 35 -23.34 2.90 -5.13
C LYS B 35 -22.35 4.05 -5.20
N LYS B 36 -22.35 4.76 -6.32
CA LYS B 36 -21.38 5.83 -6.57
C LYS B 36 -21.56 7.00 -5.61
N ASN B 37 -22.76 7.13 -5.04
CA ASN B 37 -23.04 8.23 -4.13
C ASN B 37 -22.89 7.81 -2.67
N GLN B 38 -22.32 6.64 -2.43
CA GLN B 38 -22.07 6.18 -1.07
C GLN B 38 -20.76 6.76 -0.56
N GLU B 39 -20.84 7.46 0.57
CA GLU B 39 -19.67 8.10 1.16
C GLU B 39 -18.62 7.07 1.59
N PRO B 40 -17.34 7.36 1.32
CA PRO B 40 -16.24 6.49 1.69
C PRO B 40 -16.17 6.27 3.20
N PRO B 41 -15.70 5.10 3.64
CA PRO B 41 -15.65 4.79 5.07
C PRO B 41 -14.54 5.58 5.78
N HIS B 42 -14.68 5.75 7.09
CA HIS B 42 -13.60 6.30 7.89
C HIS B 42 -12.41 5.36 7.78
N LEU B 43 -11.20 5.91 7.69
CA LEU B 43 -10.01 5.08 7.48
C LEU B 43 -8.89 5.45 8.43
N VAL B 44 -8.18 4.42 8.91
CA VAL B 44 -6.98 4.61 9.70
C VAL B 44 -5.87 3.71 9.17
N LEU B 45 -4.63 4.09 9.43
CA LEU B 45 -3.49 3.27 9.04
C LEU B 45 -3.47 2.00 9.88
N ALA B 46 -3.33 0.86 9.21
CA ALA B 46 -3.35 -0.43 9.90
C ALA B 46 -1.94 -0.87 10.28
N PRO B 47 -1.82 -1.53 11.45
CA PRO B 47 -0.53 -2.08 11.88
C PRO B 47 -0.15 -3.32 11.08
N PHE B 48 1.08 -3.75 11.16
CA PHE B 48 1.57 -4.88 10.44
C PHE B 48 1.36 -4.78 8.94
N SER B 49 1.66 -3.63 8.36
CA SER B 49 1.43 -3.40 6.94
C SER B 49 2.45 -2.42 6.35
N ASP B 50 3.57 -2.26 7.05
CA ASP B 50 4.64 -1.37 6.61
C ASP B 50 4.16 0.06 6.42
N HIS B 51 3.21 0.48 7.26
CA HIS B 51 2.65 1.83 7.22
C HIS B 51 2.11 2.22 5.85
N ASP B 52 1.47 1.27 5.16
CA ASP B 52 1.03 1.54 3.79
C ASP B 52 -0.40 1.07 3.50
N VAL B 53 -1.00 0.34 4.43
CA VAL B 53 -2.36 -0.15 4.23
C VAL B 53 -3.35 0.50 5.20
N TYR B 54 -4.47 0.98 4.64
CA TYR B 54 -5.50 1.64 5.44
C TYR B 54 -6.77 0.79 5.52
N LEU B 55 -7.46 0.88 6.65
CA LEU B 55 -8.67 0.09 6.88
C LEU B 55 -9.69 0.84 7.72
N GLN B 56 -10.91 0.32 7.74
CA GLN B 56 -11.93 0.77 8.68
C GLN B 56 -11.40 0.62 10.10
N PRO B 57 -11.60 1.64 10.95
CA PRO B 57 -11.10 1.66 12.32
C PRO B 57 -11.41 0.38 13.10
N GLU B 58 -12.65 -0.09 13.01
CA GLU B 58 -13.06 -1.30 13.71
C GLU B 58 -12.34 -2.52 13.14
N VAL B 59 -12.15 -2.54 11.82
CA VAL B 59 -11.46 -3.64 11.16
C VAL B 59 -9.99 -3.69 11.56
N ALA B 60 -9.34 -2.53 11.58
CA ALA B 60 -7.94 -2.43 11.93
C ALA B 60 -7.70 -2.88 13.37
N LYS B 61 -8.65 -2.59 14.24
CA LYS B 61 -8.57 -2.98 15.65
C LYS B 61 -8.63 -4.50 15.80
N GLN B 62 -9.64 -5.11 15.17
CA GLN B 62 -9.82 -6.55 15.25
C GLN B 62 -8.70 -7.29 14.54
N TRP B 63 -8.21 -6.71 13.45
CA TRP B 63 -7.07 -7.26 12.73
C TRP B 63 -5.85 -7.31 13.64
N GLU B 64 -5.69 -6.28 14.45
CA GLU B 64 -4.57 -6.20 15.39
C GLU B 64 -4.72 -7.21 16.52
N ARG B 65 -5.94 -7.33 17.05
CA ARG B 65 -6.22 -8.25 18.14
C ARG B 65 -6.07 -9.70 17.68
N LEU B 66 -6.38 -9.96 16.42
CA LEU B 66 -6.31 -11.29 15.86
C LEU B 66 -4.86 -11.78 15.73
N VAL B 67 -4.02 -10.93 15.15
CA VAL B 67 -2.62 -11.30 14.92
C VAL B 67 -1.81 -11.30 16.21
N ARG B 68 -2.31 -10.61 17.22
CA ARG B 68 -1.67 -10.57 18.53
C ARG B 68 -1.98 -11.83 19.33
N ALA B 69 -3.22 -12.30 19.21
CA ALA B 69 -3.66 -13.49 19.94
C ALA B 69 -3.06 -14.75 19.32
N THR B 70 -2.91 -14.75 18.00
CA THR B 70 -2.33 -15.89 17.30
C THR B 70 -0.80 -15.83 17.34
N GLY B 71 -0.27 -14.65 17.65
CA GLY B 71 1.17 -14.46 17.73
C GLY B 71 1.85 -14.61 16.38
N LEU B 72 1.24 -14.08 15.35
CA LEU B 72 1.78 -14.20 14.02
C LEU B 72 2.44 -12.93 13.50
N GLU B 73 2.81 -12.04 14.39
CA GLU B 73 3.34 -10.72 14.03
C GLU B 73 4.50 -10.83 13.05
N LYS B 74 5.26 -11.92 13.15
CA LYS B 74 6.44 -12.12 12.32
C LYS B 74 6.14 -12.97 11.10
N ASP B 75 5.07 -13.75 11.16
CA ASP B 75 4.77 -14.75 10.14
C ASP B 75 3.98 -14.17 8.96
N ILE B 76 2.90 -13.46 9.26
CA ILE B 76 2.00 -12.97 8.21
C ILE B 76 2.03 -11.46 8.09
N ARG B 77 1.66 -10.96 6.91
CA ARG B 77 1.64 -9.52 6.65
C ARG B 77 0.31 -9.09 6.04
N LEU B 78 0.02 -7.80 6.14
CA LEU B 78 -1.17 -7.24 5.53
C LEU B 78 -0.81 -6.66 4.15
N VAL B 79 -1.15 -7.40 3.11
CA VAL B 79 -0.79 -7.01 1.75
C VAL B 79 -1.59 -5.80 1.26
N SER B 80 -2.91 -5.90 1.33
CA SER B 80 -3.78 -4.83 0.85
C SER B 80 -5.04 -4.69 1.69
N GLY B 81 -5.64 -3.51 1.65
CA GLY B 81 -6.86 -3.25 2.39
C GLY B 81 -7.84 -2.40 1.59
N TYR B 82 -8.00 -1.15 1.99
CA TYR B 82 -8.88 -0.24 1.28
C TYR B 82 -8.31 0.13 -0.08
N ARG B 83 -9.15 0.10 -1.11
CA ARG B 83 -8.76 0.52 -2.45
C ARG B 83 -9.88 1.33 -3.09
N THR B 84 -9.54 2.50 -3.61
CA THR B 84 -10.52 3.31 -4.34
C THR B 84 -10.87 2.63 -5.66
N GLU B 85 -11.87 3.19 -6.37
CA GLU B 85 -12.26 2.64 -7.66
C GLU B 85 -11.12 2.75 -8.66
N LYS B 86 -10.41 3.89 -8.63
CA LYS B 86 -9.28 4.11 -9.50
C LYS B 86 -8.16 3.12 -9.21
N GLU B 87 -7.90 2.88 -7.94
CA GLU B 87 -6.86 1.94 -7.53
C GLU B 87 -7.22 0.52 -7.95
N GLN B 88 -8.50 0.18 -7.85
CA GLN B 88 -8.98 -1.12 -8.28
C GLN B 88 -8.85 -1.25 -9.80
N ARG B 89 -9.02 -0.14 -10.50
CA ARG B 89 -8.89 -0.12 -11.95
C ARG B 89 -7.44 -0.34 -12.36
N ARG B 90 -6.53 0.36 -11.68
CA ARG B 90 -5.10 0.22 -11.95
C ARG B 90 -4.62 -1.20 -11.66
N LEU B 91 -5.20 -1.81 -10.63
CA LEU B 91 -4.89 -3.19 -10.28
C LEU B 91 -5.36 -4.14 -11.38
N TRP B 92 -6.59 -3.90 -11.86
CA TRP B 92 -7.17 -4.69 -12.95
C TRP B 92 -6.34 -4.58 -14.23
N GLU B 93 -5.97 -3.36 -14.58
CA GLU B 93 -5.23 -3.11 -15.81
C GLU B 93 -3.83 -3.69 -15.75
N TYR B 94 -3.21 -3.66 -14.58
CA TYR B 94 -1.89 -4.25 -14.39
C TYR B 94 -1.95 -5.77 -14.56
N SER B 95 -2.95 -6.38 -13.94
CA SER B 95 -3.12 -7.83 -14.00
C SER B 95 -3.41 -8.30 -15.42
N LEU B 96 -4.27 -7.56 -16.11
CA LEU B 96 -4.63 -7.87 -17.49
C LEU B 96 -3.41 -7.86 -18.40
N LYS B 97 -2.56 -6.85 -18.21
CA LYS B 97 -1.37 -6.69 -19.04
C LYS B 97 -0.31 -7.73 -18.71
N GLU B 98 -0.20 -8.09 -17.44
CA GLU B 98 0.86 -8.96 -16.97
C GLU B 98 0.46 -10.45 -16.96
N ASN B 99 -0.78 -10.72 -16.58
CA ASN B 99 -1.22 -12.10 -16.38
C ASN B 99 -2.28 -12.56 -17.38
N GLY B 100 -2.87 -11.62 -18.12
CA GLY B 100 -3.88 -11.96 -19.09
C GLY B 100 -5.28 -11.86 -18.53
N LEU B 101 -6.27 -11.94 -19.43
CA LEU B 101 -7.67 -11.78 -19.04
C LEU B 101 -8.18 -12.93 -18.20
N ALA B 102 -7.86 -14.15 -18.62
CA ALA B 102 -8.34 -15.37 -17.95
C ALA B 102 -7.98 -15.38 -16.46
N TYR B 103 -6.73 -15.06 -16.16
CA TYR B 103 -6.24 -15.02 -14.79
C TYR B 103 -6.90 -13.88 -14.01
N THR B 104 -7.01 -12.73 -14.65
CA THR B 104 -7.50 -11.53 -14.00
C THR B 104 -8.97 -11.65 -13.58
N LYS B 105 -9.77 -12.29 -14.43
CA LYS B 105 -11.19 -12.49 -14.13
C LYS B 105 -11.40 -13.31 -12.85
N GLN B 106 -10.58 -14.34 -12.69
CA GLN B 106 -10.74 -15.28 -11.59
C GLN B 106 -10.42 -14.67 -10.23
N PHE B 107 -9.48 -13.74 -10.21
CA PHE B 107 -8.93 -13.26 -8.94
C PHE B 107 -9.08 -11.76 -8.69
N VAL B 108 -9.39 -11.00 -9.73
CA VAL B 108 -9.55 -9.55 -9.58
C VAL B 108 -11.00 -9.12 -9.82
N ALA B 109 -11.57 -8.40 -8.87
CA ALA B 109 -12.92 -7.88 -9.01
C ALA B 109 -12.94 -6.64 -9.88
N LEU B 110 -14.01 -6.45 -10.65
CA LEU B 110 -14.13 -5.29 -11.50
C LEU B 110 -14.23 -4.00 -10.68
N PRO B 111 -13.66 -2.90 -11.19
CA PRO B 111 -13.70 -1.59 -10.53
C PRO B 111 -15.14 -1.16 -10.25
N GLY B 112 -15.44 -0.87 -8.99
CA GLY B 112 -16.79 -0.50 -8.61
C GLY B 112 -17.57 -1.67 -8.06
N CYS B 113 -16.95 -2.85 -8.08
CA CYS B 113 -17.61 -4.06 -7.59
C CYS B 113 -16.70 -4.86 -6.68
N SER B 114 -15.69 -4.20 -6.14
CA SER B 114 -14.79 -4.80 -5.19
C SER B 114 -15.15 -4.39 -3.76
N GLU B 115 -15.10 -5.34 -2.83
CA GLU B 115 -15.43 -5.06 -1.45
C GLU B 115 -14.24 -4.42 -0.72
N HIS B 116 -13.13 -4.28 -1.43
CA HIS B 116 -11.98 -3.54 -0.91
C HIS B 116 -12.31 -2.04 -0.86
N GLN B 117 -13.33 -1.65 -1.63
CA GLN B 117 -13.68 -0.24 -1.77
C GLN B 117 -14.51 0.29 -0.60
N ILE B 118 -14.84 -0.58 0.36
CA ILE B 118 -15.56 -0.15 1.55
C ILE B 118 -14.70 -0.34 2.79
N GLY B 119 -13.45 -0.74 2.58
CA GLY B 119 -12.49 -0.84 3.67
C GLY B 119 -12.74 -1.97 4.66
N LEU B 120 -13.45 -3.00 4.22
CA LEU B 120 -13.77 -4.14 5.08
C LEU B 120 -13.05 -5.40 4.65
N ALA B 121 -12.30 -5.31 3.56
CA ALA B 121 -11.61 -6.48 3.01
C ALA B 121 -10.10 -6.37 3.19
N ILE B 122 -9.47 -7.49 3.53
CA ILE B 122 -8.02 -7.55 3.66
C ILE B 122 -7.42 -8.68 2.84
N ASP B 123 -6.26 -8.42 2.26
CA ASP B 123 -5.49 -9.46 1.59
C ASP B 123 -4.25 -9.75 2.42
N VAL B 124 -4.13 -11.00 2.87
CA VAL B 124 -3.06 -11.38 3.78
C VAL B 124 -2.03 -12.28 3.10
N GLY B 125 -0.76 -12.00 3.36
CA GLY B 125 0.31 -12.81 2.81
C GLY B 125 1.33 -13.15 3.89
N LEU B 126 2.14 -14.16 3.62
CA LEU B 126 3.20 -14.55 4.53
C LEU B 126 4.45 -13.71 4.29
N LYS B 127 5.07 -13.24 5.36
CA LYS B 127 6.36 -12.56 5.27
C LYS B 127 7.44 -13.56 4.92
N LYS B 128 7.08 -14.84 4.99
CA LYS B 128 8.05 -15.94 5.00
C LYS B 128 8.39 -16.49 3.63
N GLN B 129 7.87 -15.89 2.57
CA GLN B 129 8.15 -16.41 1.24
C GLN B 129 8.54 -15.36 0.19
N GLU B 130 9.31 -15.82 -0.80
CA GLU B 130 9.82 -15.00 -1.86
C GLU B 130 8.72 -14.82 -2.89
N ASP B 131 9.03 -13.97 -3.88
CA ASP B 131 8.22 -13.65 -5.06
C ASP B 131 7.08 -12.74 -4.66
N ASP B 132 6.23 -12.39 -5.62
CA ASP B 132 5.02 -11.62 -5.28
C ASP B 132 3.79 -12.52 -5.38
N ASP B 133 3.37 -12.86 -6.59
CA ASP B 133 2.01 -13.36 -6.83
C ASP B 133 1.11 -12.46 -6.03
N LEU B 134 1.27 -11.17 -6.27
CA LEU B 134 0.66 -10.12 -5.49
C LEU B 134 -0.85 -10.20 -5.51
N ILE B 135 -1.39 -10.62 -6.64
CA ILE B 135 -2.83 -10.71 -6.83
C ILE B 135 -3.39 -11.94 -6.11
N CYS B 136 -2.54 -12.93 -5.88
CA CYS B 136 -2.95 -14.14 -5.17
C CYS B 136 -1.96 -14.56 -4.09
N PRO B 137 -1.71 -13.69 -3.09
CA PRO B 137 -0.64 -13.87 -2.10
C PRO B 137 -0.56 -15.28 -1.50
N HIS B 138 0.65 -15.80 -1.38
CA HIS B 138 0.88 -17.14 -0.84
C HIS B 138 0.45 -17.21 0.63
N PHE B 139 -0.63 -17.95 0.87
CA PHE B 139 -1.22 -18.06 2.19
C PHE B 139 -2.03 -19.35 2.29
N ARG B 140 -1.33 -20.49 2.40
CA ARG B 140 -2.00 -21.77 2.43
CA ARG B 140 -2.00 -21.78 2.41
C ARG B 140 -1.17 -22.87 3.08
N ASP B 141 0.03 -23.11 2.55
CA ASP B 141 0.88 -24.21 3.01
C ASP B 141 1.50 -24.03 4.39
N SER B 142 1.21 -22.91 5.05
CA SER B 142 1.87 -22.59 6.31
C SER B 142 1.09 -23.03 7.55
N ALA B 143 1.81 -23.29 8.63
CA ALA B 143 1.21 -23.58 9.92
C ALA B 143 0.66 -22.30 10.53
N ALA B 144 1.22 -21.17 10.10
CA ALA B 144 0.73 -19.86 10.51
C ALA B 144 -0.62 -19.59 9.86
N ALA B 145 -0.78 -20.08 8.62
CA ALA B 145 -2.04 -19.96 7.91
C ALA B 145 -3.11 -20.81 8.57
N ASP B 146 -2.73 -22.02 8.98
CA ASP B 146 -3.65 -22.94 9.65
C ASP B 146 -4.13 -22.37 10.98
N LEU B 147 -3.23 -21.73 11.70
CA LEU B 147 -3.58 -21.11 12.97
C LEU B 147 -4.48 -19.90 12.74
N PHE B 148 -4.22 -19.17 11.67
CA PHE B 148 -5.02 -18.01 11.31
C PHE B 148 -6.46 -18.41 10.98
N MET B 149 -6.60 -19.54 10.31
CA MET B 149 -7.91 -20.03 9.89
C MET B 149 -8.74 -20.57 11.05
N GLN B 150 -8.10 -20.73 12.21
CA GLN B 150 -8.76 -21.31 13.36
C GLN B 150 -9.28 -20.27 14.35
N GLN B 151 -8.88 -19.02 14.17
CA GLN B 151 -9.22 -17.97 15.14
C GLN B 151 -9.81 -16.72 14.50
N MET B 152 -9.66 -16.59 13.18
CA MET B 152 -10.08 -15.41 12.46
C MET B 152 -11.57 -15.12 12.59
N MET B 153 -12.38 -16.16 12.70
CA MET B 153 -13.82 -15.99 12.79
C MET B 153 -14.22 -15.47 14.16
N ASN B 154 -13.33 -15.62 15.12
CA ASN B 154 -13.57 -15.15 16.48
C ASN B 154 -13.24 -13.67 16.64
N TYR B 155 -12.83 -13.04 15.54
CA TYR B 155 -12.48 -11.63 15.55
C TYR B 155 -13.16 -10.88 14.42
N GLY B 156 -14.18 -11.49 13.82
CA GLY B 156 -15.04 -10.82 12.87
C GLY B 156 -14.73 -11.02 11.40
N PHE B 157 -13.85 -11.97 11.08
CA PHE B 157 -13.44 -12.18 9.70
C PHE B 157 -13.95 -13.49 9.11
N ILE B 158 -14.29 -13.46 7.82
CA ILE B 158 -14.67 -14.66 7.10
C ILE B 158 -13.79 -14.86 5.86
N LEU B 159 -13.68 -16.10 5.41
CA LEU B 159 -13.00 -16.39 4.15
C LEU B 159 -13.97 -16.08 3.02
N ARG B 160 -13.72 -14.98 2.32
CA ARG B 160 -14.69 -14.42 1.38
C ARG B 160 -14.96 -15.32 0.19
N TYR B 161 -13.91 -15.92 -0.36
CA TYR B 161 -14.06 -16.74 -1.56
C TYR B 161 -13.52 -18.16 -1.35
N PRO B 162 -14.32 -19.02 -0.71
CA PRO B 162 -13.92 -20.40 -0.40
C PRO B 162 -13.79 -21.27 -1.65
N GLU B 163 -13.24 -22.47 -1.49
CA GLU B 163 -13.13 -23.42 -2.59
C GLU B 163 -14.50 -23.93 -2.99
N ASP B 164 -14.67 -24.20 -4.28
CA ASP B 164 -15.92 -24.73 -4.83
C ASP B 164 -17.10 -23.82 -4.52
N LYS B 165 -16.86 -22.51 -4.52
CA LYS B 165 -17.91 -21.52 -4.30
C LYS B 165 -17.88 -20.47 -5.41
N GLN B 166 -17.12 -20.77 -6.46
CA GLN B 166 -16.91 -19.83 -7.56
C GLN B 166 -18.22 -19.49 -8.26
N GLU B 167 -19.13 -20.44 -8.34
CA GLU B 167 -20.41 -20.24 -9.01
C GLU B 167 -21.28 -19.24 -8.27
N ILE B 168 -21.08 -19.14 -6.95
CA ILE B 168 -21.88 -18.25 -6.12
C ILE B 168 -21.23 -16.87 -5.99
N THR B 169 -19.91 -16.85 -5.79
CA THR B 169 -19.19 -15.60 -5.57
C THR B 169 -18.78 -14.92 -6.88
N GLY B 170 -18.56 -15.72 -7.91
CA GLY B 170 -18.07 -15.21 -9.18
C GLY B 170 -16.57 -15.03 -9.16
N ILE B 171 -15.95 -15.51 -8.08
CA ILE B 171 -14.51 -15.41 -7.87
C ILE B 171 -13.94 -16.76 -7.49
N SER B 172 -12.77 -17.10 -8.04
CA SER B 172 -12.12 -18.36 -7.73
C SER B 172 -11.66 -18.43 -6.28
N TYR B 173 -11.13 -19.58 -5.89
CA TYR B 173 -10.68 -19.81 -4.51
C TYR B 173 -9.54 -18.88 -4.12
N GLU B 174 -9.76 -18.11 -3.06
CA GLU B 174 -8.76 -17.16 -2.57
C GLU B 174 -8.53 -17.33 -1.06
N PRO B 175 -7.58 -18.20 -0.68
CA PRO B 175 -7.25 -18.42 0.73
C PRO B 175 -6.58 -17.22 1.39
N TRP B 176 -6.27 -16.18 0.63
CA TRP B 176 -5.58 -15.00 1.15
C TRP B 176 -6.54 -13.85 1.47
N HIS B 177 -7.72 -13.87 0.84
CA HIS B 177 -8.66 -12.76 0.97
C HIS B 177 -9.66 -13.00 2.09
N PHE B 178 -9.72 -12.09 3.06
CA PHE B 178 -10.62 -12.17 4.19
C PHE B 178 -11.56 -10.94 4.32
N ARG B 179 -12.81 -11.15 4.62
CA ARG B 179 -13.79 -10.08 4.73
C ARG B 179 -14.25 -9.91 6.19
N TYR B 180 -14.26 -8.67 6.66
CA TYR B 180 -14.75 -8.38 7.99
C TYR B 180 -16.26 -8.18 7.99
N VAL B 181 -16.97 -8.96 8.79
CA VAL B 181 -18.41 -8.83 8.92
C VAL B 181 -18.79 -8.61 10.39
N GLY B 182 -17.84 -8.84 11.28
CA GLY B 182 -18.06 -8.66 12.70
C GLY B 182 -18.75 -9.85 13.35
N LEU B 183 -18.79 -9.83 14.68
CA LEU B 183 -19.43 -10.89 15.45
C LEU B 183 -20.91 -10.61 15.64
N PRO B 184 -21.74 -11.66 15.72
CA PRO B 184 -21.37 -13.07 15.63
C PRO B 184 -21.45 -13.59 14.19
N HIS B 185 -21.58 -12.69 13.24
CA HIS B 185 -21.78 -13.05 11.84
C HIS B 185 -20.65 -13.91 11.29
N SER B 186 -19.43 -13.60 11.68
CA SER B 186 -18.26 -14.34 11.20
C SER B 186 -18.26 -15.78 11.69
N GLN B 187 -18.75 -15.99 12.90
CA GLN B 187 -18.82 -17.33 13.47
C GLN B 187 -19.96 -18.13 12.83
N VAL B 188 -21.09 -17.48 12.61
CA VAL B 188 -22.25 -18.13 12.01
C VAL B 188 -21.95 -18.58 10.58
N ILE B 189 -21.37 -17.68 9.79
CA ILE B 189 -21.03 -17.95 8.40
C ILE B 189 -20.00 -19.07 8.28
N THR B 190 -18.94 -18.99 9.09
CA THR B 190 -17.85 -19.96 9.04
C THR B 190 -18.32 -21.36 9.46
N ALA B 191 -19.13 -21.43 10.51
CA ALA B 191 -19.63 -22.70 11.00
C ALA B 191 -20.51 -23.40 9.96
N GLN B 192 -21.31 -22.61 9.24
CA GLN B 192 -22.17 -23.14 8.20
C GLN B 192 -21.40 -23.31 6.89
N LYS B 193 -20.14 -22.87 6.89
CA LYS B 193 -19.32 -22.85 5.68
C LYS B 193 -20.04 -22.14 4.56
N TRP B 194 -20.63 -20.99 4.89
CA TRP B 194 -21.37 -20.20 3.93
C TRP B 194 -20.50 -19.13 3.28
N THR B 195 -21.02 -18.55 2.20
CA THR B 195 -20.44 -17.35 1.62
C THR B 195 -21.30 -16.17 2.05
N LEU B 196 -20.82 -14.95 1.80
CA LEU B 196 -21.58 -13.76 2.15
C LEU B 196 -22.88 -13.69 1.34
N GLU B 197 -22.82 -14.18 0.11
CA GLU B 197 -24.00 -14.26 -0.74
C GLU B 197 -25.06 -15.17 -0.13
N GLU B 198 -24.64 -16.36 0.29
CA GLU B 198 -25.54 -17.32 0.91
C GLU B 198 -26.09 -16.80 2.23
N TYR B 199 -25.28 -16.00 2.93
CA TYR B 199 -25.69 -15.42 4.20
C TYR B 199 -26.81 -14.41 3.99
N HIS B 200 -26.69 -13.63 2.92
CA HIS B 200 -27.71 -12.63 2.59
C HIS B 200 -29.01 -13.30 2.14
N ASP B 201 -28.89 -14.42 1.42
CA ASP B 201 -30.07 -15.18 1.01
C ASP B 201 -30.76 -15.79 2.22
N TYR B 202 -29.96 -16.25 3.17
CA TYR B 202 -30.46 -16.83 4.41
C TYR B 202 -31.22 -15.79 5.22
N LEU B 203 -30.66 -14.60 5.36
CA LEU B 203 -31.30 -13.51 6.09
C LEU B 203 -32.59 -13.08 5.40
N ALA B 204 -32.56 -13.04 4.07
CA ALA B 204 -33.72 -12.64 3.29
C ALA B 204 -34.89 -13.59 3.48
N GLN B 205 -34.61 -14.89 3.40
CA GLN B 205 -35.65 -15.90 3.56
C GLN B 205 -36.18 -15.92 4.99
N THR B 206 -35.29 -15.67 5.94
CA THR B 206 -35.65 -15.68 7.36
C THR B 206 -36.62 -14.55 7.71
N VAL B 207 -36.33 -13.35 7.20
CA VAL B 207 -37.16 -12.18 7.46
C VAL B 207 -38.57 -12.38 6.91
N ARG B 208 -38.67 -13.01 5.74
CA ARG B 208 -39.96 -13.21 5.09
C ARG B 208 -40.83 -14.24 5.81
N GLN B 209 -40.27 -14.92 6.79
CA GLN B 209 -41.04 -15.85 7.62
C GLN B 209 -41.82 -15.08 8.67
N PHE B 210 -41.39 -13.85 8.94
CA PHE B 210 -42.05 -12.99 9.93
C PHE B 210 -43.08 -12.09 9.28
N ALA B 211 -43.12 -12.08 7.95
CA ALA B 211 -44.06 -11.25 7.21
C ALA B 211 -45.47 -11.82 7.27
#